data_6M3H
#
_entry.id   6M3H
#
_cell.length_a   42.031
_cell.length_b   79.895
_cell.length_c   106.674
_cell.angle_alpha   90.000
_cell.angle_beta   90.000
_cell.angle_gamma   90.000
#
_symmetry.space_group_name_H-M   'P 21 21 21'
#
loop_
_entity.id
_entity.type
_entity.pdbx_description
1 polymer 'Histone PARylation factor 1'
2 water water
#
_entity_poly.entity_id   1
_entity_poly.type   'polypeptide(L)'
_entity_poly.pdbx_seq_one_letter_code
;MVGGGGKRRTAGAGPQCEKTVEVKKSKFSEADVSSDLRKEVENLYKLSLPEDFYHFWKFCEELDPEKPADALATSLGLRL
VGPYDILAGKHKMKKKPTGLNCNLHWRFYYDPPEFQTIIIGDNKTQYHMGYFRDSPDELPVYVGTNEAKKNCIIIQNGDN
VFAAIKLFLMKKLKEVTDRKKISILKNIDEKLTEAARKLGYSLEQRTVKMRQRDKKVVTKTFHGAGLVVPVDKNDVGYRE
LPETDADLKRICKAVVDAASDEERLKAFAPIQEMMTFVQFANDECDYGMGLELGMDLFCYGSHYFHKVAGQLLPLAYNLL
KRDLFAKIIEDHLASRSEENIDQLAG
;
_entity_poly.pdbx_strand_id   A
#
# COMPACT_ATOMS: atom_id res chain seq x y z
N ASP A 36 -25.61 6.98 -3.88
CA ASP A 36 -24.47 7.76 -3.39
C ASP A 36 -23.19 6.94 -3.49
N LEU A 37 -22.44 7.16 -4.56
CA LEU A 37 -21.21 6.41 -4.80
C LEU A 37 -20.15 6.61 -3.71
N ARG A 38 -20.09 7.80 -3.14
CA ARG A 38 -19.13 8.09 -2.10
C ARG A 38 -19.35 7.21 -0.88
N LYS A 39 -20.62 7.06 -0.50
CA LYS A 39 -20.95 6.23 0.64
C LYS A 39 -20.73 4.78 0.26
N GLU A 40 -21.04 4.47 -0.99
CA GLU A 40 -20.85 3.10 -1.46
C GLU A 40 -19.39 2.70 -1.43
N VAL A 41 -18.49 3.57 -1.90
CA VAL A 41 -17.10 3.17 -1.96
C VAL A 41 -16.53 3.01 -0.54
N GLU A 42 -16.89 3.92 0.37
CA GLU A 42 -16.37 3.81 1.72
C GLU A 42 -17.00 2.62 2.46
N ASN A 43 -18.24 2.27 2.14
CA ASN A 43 -18.85 1.08 2.75
C ASN A 43 -18.18 -0.20 2.27
N LEU A 44 -17.88 -0.27 0.97
CA LEU A 44 -17.33 -1.50 0.40
C LEU A 44 -15.91 -1.77 0.89
N TYR A 45 -15.10 -0.72 1.01
CA TYR A 45 -13.74 -0.90 1.52
C TYR A 45 -13.64 -0.84 3.04
N LYS A 46 -14.70 -0.40 3.74
CA LYS A 46 -14.66 -0.20 5.18
C LYS A 46 -13.61 0.84 5.58
N LEU A 47 -13.36 1.81 4.69
CA LEU A 47 -12.35 2.83 4.91
C LEU A 47 -12.88 4.17 4.41
N SER A 48 -12.68 5.22 5.19
CA SER A 48 -12.95 6.57 4.70
C SER A 48 -11.88 6.97 3.69
N LEU A 49 -12.30 7.78 2.72
CA LEU A 49 -11.33 8.30 1.76
C LEU A 49 -11.14 9.81 1.94
N PRO A 50 -9.93 10.32 1.70
CA PRO A 50 -9.69 11.75 1.90
C PRO A 50 -10.31 12.59 0.78
N GLU A 51 -10.42 13.90 1.03
CA GLU A 51 -11.10 14.76 0.08
C GLU A 51 -10.37 14.82 -1.27
N ASP A 52 -9.04 14.66 -1.28
CA ASP A 52 -8.33 14.70 -2.55
C ASP A 52 -8.71 13.53 -3.44
N PHE A 53 -9.13 12.40 -2.85
CA PHE A 53 -9.62 11.30 -3.66
C PHE A 53 -10.79 11.73 -4.54
N TYR A 54 -11.80 12.37 -3.93
CA TYR A 54 -13.00 12.76 -4.65
C TYR A 54 -12.73 13.96 -5.57
N HIS A 55 -11.95 14.93 -5.11
CA HIS A 55 -11.60 16.06 -5.98
C HIS A 55 -10.86 15.59 -7.23
N PHE A 56 -9.97 14.60 -7.09
CA PHE A 56 -9.25 14.15 -8.27
C PHE A 56 -10.17 13.41 -9.25
N TRP A 57 -11.18 12.70 -8.74
CA TRP A 57 -12.18 12.15 -9.64
C TRP A 57 -12.80 13.26 -10.49
N LYS A 58 -13.17 14.37 -9.85
CA LYS A 58 -13.78 15.50 -10.55
C LYS A 58 -12.80 16.06 -11.58
N PHE A 59 -11.55 16.22 -11.17
CA PHE A 59 -10.50 16.66 -12.10
C PHE A 59 -10.45 15.76 -13.32
N CYS A 60 -10.48 14.44 -13.11
CA CYS A 60 -10.43 13.53 -14.25
C CYS A 60 -11.71 13.58 -15.07
N GLU A 61 -12.86 13.79 -14.44
CA GLU A 61 -14.11 14.00 -15.20
C GLU A 61 -13.97 15.19 -16.13
N GLU A 62 -13.30 16.23 -15.66
CA GLU A 62 -13.07 17.41 -16.47
C GLU A 62 -12.19 17.08 -17.67
N LEU A 63 -11.14 16.29 -17.45
CA LEU A 63 -10.25 15.88 -18.54
C LEU A 63 -10.93 14.99 -19.58
N ASP A 64 -11.72 14.03 -19.12
CA ASP A 64 -12.41 13.11 -20.01
C ASP A 64 -13.75 12.75 -19.38
N PRO A 65 -14.80 13.48 -19.74
CA PRO A 65 -16.11 13.26 -19.11
C PRO A 65 -16.69 11.88 -19.32
N GLU A 66 -16.35 11.20 -20.41
CA GLU A 66 -16.97 9.91 -20.72
C GLU A 66 -16.27 8.76 -20.02
N LYS A 67 -14.97 8.85 -19.80
CA LYS A 67 -14.18 7.78 -19.19
C LYS A 67 -13.17 8.40 -18.25
N PRO A 68 -13.63 9.01 -17.14
CA PRO A 68 -12.70 9.72 -16.25
C PRO A 68 -11.58 8.84 -15.73
N ALA A 69 -11.85 7.58 -15.41
CA ALA A 69 -10.81 6.71 -14.87
C ALA A 69 -9.68 6.46 -15.86
N ASP A 70 -9.91 6.72 -17.15
CA ASP A 70 -8.88 6.53 -18.17
C ASP A 70 -8.33 7.84 -18.71
N ALA A 71 -8.62 8.97 -18.02
CA ALA A 71 -8.22 10.28 -18.54
C ALA A 71 -6.71 10.38 -18.74
N LEU A 72 -5.91 9.66 -17.94
CA LEU A 72 -4.45 9.77 -18.01
C LEU A 72 -3.82 8.59 -18.71
N ALA A 73 -4.60 7.73 -19.35
CA ALA A 73 -4.04 6.51 -19.92
C ALA A 73 -3.12 6.83 -21.09
N THR A 74 -3.53 7.69 -22.00
CA THR A 74 -2.69 7.91 -23.18
C THR A 74 -1.45 8.73 -22.86
N SER A 75 -1.58 9.76 -22.01
CA SER A 75 -0.46 10.66 -21.75
C SER A 75 0.51 10.08 -20.72
N LEU A 76 -0.01 9.39 -19.69
CA LEU A 76 0.86 8.90 -18.63
C LEU A 76 0.92 7.38 -18.53
N GLY A 77 0.01 6.66 -19.18
CA GLY A 77 0.01 5.22 -19.06
C GLY A 77 -0.52 4.75 -17.73
N LEU A 78 -1.38 5.56 -17.11
CA LEU A 78 -1.95 5.29 -15.79
C LEU A 78 -3.47 5.20 -15.89
N ARG A 79 -4.07 4.34 -15.06
CA ARG A 79 -5.51 4.15 -14.96
C ARG A 79 -5.91 4.24 -13.49
N LEU A 80 -7.04 4.90 -13.22
CA LEU A 80 -7.60 4.93 -11.87
C LEU A 80 -8.42 3.67 -11.62
N VAL A 81 -8.18 3.02 -10.47
CA VAL A 81 -8.79 1.73 -10.14
C VAL A 81 -9.08 1.65 -8.65
N GLY A 82 -9.46 0.47 -8.17
CA GLY A 82 -9.71 0.28 -6.75
C GLY A 82 -10.97 1.01 -6.31
N PRO A 83 -10.84 1.89 -5.33
CA PRO A 83 -12.01 2.71 -4.97
C PRO A 83 -12.52 3.54 -6.13
N TYR A 84 -11.66 3.91 -7.08
CA TYR A 84 -12.13 4.63 -8.26
C TYR A 84 -13.03 3.75 -9.14
N ASP A 85 -12.84 2.43 -9.11
CA ASP A 85 -13.74 1.56 -9.86
C ASP A 85 -15.18 1.71 -9.37
N ILE A 86 -15.34 1.93 -8.07
CA ILE A 86 -16.65 2.16 -7.46
C ILE A 86 -17.25 3.49 -7.93
N LEU A 87 -16.43 4.54 -7.96
CA LEU A 87 -16.89 5.84 -8.42
C LEU A 87 -17.28 5.70 -9.88
N ALA A 88 -16.52 4.87 -10.58
CA ALA A 88 -16.72 4.57 -11.99
C ALA A 88 -18.04 3.84 -12.25
N GLY A 89 -18.51 3.10 -11.26
CA GLY A 89 -19.75 2.34 -11.41
C GLY A 89 -19.55 0.99 -12.07
N LYS A 90 -18.29 0.57 -12.16
CA LYS A 90 -17.92 -0.71 -12.77
C LYS A 90 -18.53 -1.91 -12.04
N HIS A 91 -18.62 -1.81 -10.71
CA HIS A 91 -19.22 -2.83 -9.85
C HIS A 91 -20.74 -3.02 -10.04
N LYS A 92 -21.41 -2.00 -10.55
CA LYS A 92 -22.86 -1.99 -10.72
C LYS A 92 -23.52 -3.05 -11.61
N MET A 93 -22.87 -3.43 -12.71
CA MET A 93 -23.49 -4.41 -13.60
C MET A 93 -23.74 -5.76 -12.92
N LYS A 94 -22.83 -6.19 -12.04
CA LYS A 94 -22.97 -7.46 -11.34
C LYS A 94 -24.20 -7.50 -10.42
N LYS A 95 -24.85 -8.65 -10.32
CA LYS A 95 -26.03 -8.80 -9.48
C LYS A 95 -25.69 -9.37 -8.11
N LYS A 96 -26.18 -8.72 -7.07
CA LYS A 96 -25.93 -9.16 -5.70
C LYS A 96 -26.62 -10.46 -5.36
N PRO A 97 -25.94 -11.35 -4.60
CA PRO A 97 -24.62 -11.08 -4.02
C PRO A 97 -23.46 -11.40 -4.96
N THR A 98 -22.71 -10.36 -5.30
CA THR A 98 -21.54 -10.44 -6.18
C THR A 98 -20.37 -11.26 -5.65
N GLY A 99 -20.14 -11.14 -4.35
CA GLY A 99 -19.03 -11.81 -3.71
C GLY A 99 -17.74 -10.99 -3.82
N LEU A 100 -17.87 -9.74 -4.26
CA LEU A 100 -16.71 -8.88 -4.40
C LEU A 100 -16.08 -8.64 -3.05
N ASN A 101 -14.78 -8.81 -2.97
CA ASN A 101 -14.09 -8.53 -1.72
C ASN A 101 -13.11 -7.41 -2.02
N CYS A 102 -13.32 -6.27 -1.39
CA CYS A 102 -12.46 -5.12 -1.61
C CYS A 102 -11.06 -5.27 -1.01
N ASN A 103 -10.95 -6.12 0.01
CA ASN A 103 -9.69 -6.39 0.65
C ASN A 103 -8.71 -6.96 -0.38
N LEU A 104 -9.23 -7.66 -1.38
CA LEU A 104 -8.36 -8.25 -2.40
C LEU A 104 -8.30 -7.44 -3.69
N HIS A 105 -9.18 -6.46 -3.84
CA HIS A 105 -9.36 -5.77 -5.11
C HIS A 105 -8.17 -4.88 -5.41
N TRP A 106 -7.44 -5.19 -6.49
CA TRP A 106 -6.21 -4.49 -6.86
C TRP A 106 -5.17 -4.50 -5.75
N ARG A 107 -5.21 -5.51 -4.87
CA ARG A 107 -4.15 -5.71 -3.88
C ARG A 107 -3.04 -6.51 -4.55
N PHE A 108 -1.92 -5.84 -4.84
CA PHE A 108 -0.78 -6.50 -5.44
C PHE A 108 -0.01 -7.33 -4.41
N TYR A 109 0.98 -8.08 -4.90
CA TYR A 109 1.56 -9.17 -4.12
C TYR A 109 2.22 -8.66 -2.85
N TYR A 110 2.84 -7.47 -2.90
CA TYR A 110 3.54 -6.92 -1.74
C TYR A 110 2.80 -5.75 -1.09
N ASP A 111 1.52 -5.56 -1.41
CA ASP A 111 0.76 -4.49 -0.75
C ASP A 111 0.40 -4.89 0.68
N PRO A 112 0.99 -4.27 1.70
CA PRO A 112 0.57 -4.54 3.07
C PRO A 112 -0.82 -3.98 3.32
N PRO A 113 -1.50 -4.42 4.39
CA PRO A 113 -2.88 -3.95 4.62
C PRO A 113 -3.01 -2.43 4.68
N GLU A 114 -1.94 -1.73 5.09
CA GLU A 114 -1.92 -0.27 5.10
C GLU A 114 -2.08 0.36 3.71
N PHE A 115 -1.81 -0.39 2.66
CA PHE A 115 -1.68 0.16 1.30
C PHE A 115 -2.91 -0.20 0.48
N GLN A 116 -3.60 0.82 -0.04
CA GLN A 116 -4.85 0.67 -0.79
C GLN A 116 -4.65 1.22 -2.20
N THR A 117 -4.52 0.34 -3.19
CA THR A 117 -4.24 0.77 -4.58
C THR A 117 -5.33 1.69 -5.14
N ILE A 118 -4.90 2.76 -5.79
CA ILE A 118 -5.81 3.68 -6.48
C ILE A 118 -5.43 3.95 -7.93
N ILE A 119 -4.18 3.73 -8.34
N ILE A 119 -4.19 3.68 -8.35
CA ILE A 119 -3.70 4.01 -9.69
CA ILE A 119 -3.70 3.99 -9.69
C ILE A 119 -2.83 2.83 -10.12
C ILE A 119 -2.80 2.86 -10.15
N ILE A 120 -2.97 2.41 -11.38
CA ILE A 120 -2.07 1.39 -11.92
C ILE A 120 -1.39 1.90 -13.17
N GLY A 121 -0.16 1.43 -13.36
CA GLY A 121 0.58 1.57 -14.59
C GLY A 121 0.79 0.23 -15.26
N ASP A 122 1.96 0.05 -15.87
CA ASP A 122 2.22 -1.09 -16.75
C ASP A 122 2.28 -2.39 -15.94
N ASN A 123 1.53 -3.41 -16.40
CA ASN A 123 1.57 -4.70 -15.71
C ASN A 123 2.91 -5.42 -15.89
N LYS A 124 3.76 -4.98 -16.82
CA LYS A 124 5.08 -5.58 -16.95
C LYS A 124 5.90 -5.37 -15.68
N THR A 125 5.76 -4.20 -15.06
CA THR A 125 6.42 -3.91 -13.79
C THR A 125 5.46 -3.96 -12.62
N GLN A 126 4.15 -3.97 -12.88
CA GLN A 126 3.10 -3.80 -11.88
C GLN A 126 3.34 -2.55 -11.02
N TYR A 127 3.78 -1.48 -11.69
CA TYR A 127 3.76 -0.17 -11.07
C TYR A 127 2.35 0.18 -10.63
N HIS A 128 2.23 0.75 -9.44
CA HIS A 128 0.94 1.19 -8.96
C HIS A 128 1.17 2.14 -7.80
N MET A 129 0.17 3.01 -7.58
CA MET A 129 0.15 3.91 -6.43
C MET A 129 -1.01 3.54 -5.52
N GLY A 130 -0.84 3.77 -4.22
CA GLY A 130 -1.90 3.54 -3.28
C GLY A 130 -1.88 4.50 -2.12
N TYR A 131 -3.05 4.69 -1.50
CA TYR A 131 -3.09 5.38 -0.21
C TYR A 131 -2.47 4.50 0.85
N PHE A 132 -1.64 5.12 1.71
CA PHE A 132 -1.03 4.42 2.83
C PHE A 132 -1.63 4.95 4.12
N ARG A 133 -2.23 4.07 4.93
CA ARG A 133 -2.83 4.43 6.20
C ARG A 133 -2.15 3.65 7.31
N ASP A 134 -1.72 4.34 8.37
CA ASP A 134 -1.16 3.61 9.50
C ASP A 134 -2.25 2.94 10.33
N SER A 135 -3.45 3.51 10.33
CA SER A 135 -4.58 2.95 11.03
C SER A 135 -5.81 2.94 10.14
N PRO A 136 -6.62 1.88 10.19
CA PRO A 136 -7.88 1.89 9.44
C PRO A 136 -8.83 2.99 9.87
N ASP A 137 -8.61 3.58 11.05
CA ASP A 137 -9.47 4.62 11.58
C ASP A 137 -9.00 6.00 11.23
N GLU A 138 -7.90 6.12 10.49
CA GLU A 138 -7.31 7.40 10.19
C GLU A 138 -7.19 7.56 8.69
N LEU A 139 -7.17 8.81 8.24
CA LEU A 139 -7.05 9.06 6.81
C LEU A 139 -5.63 8.74 6.34
N PRO A 140 -5.44 8.56 5.04
CA PRO A 140 -4.10 8.24 4.54
C PRO A 140 -3.04 9.26 4.97
N VAL A 141 -1.85 8.75 5.24
CA VAL A 141 -0.74 9.63 5.59
C VAL A 141 0.08 10.03 4.36
N TYR A 142 0.00 9.27 3.27
CA TYR A 142 0.61 9.69 2.01
C TYR A 142 0.16 8.73 0.92
N VAL A 143 0.55 9.04 -0.32
CA VAL A 143 0.40 8.13 -1.44
C VAL A 143 1.74 7.43 -1.63
N GLY A 144 1.71 6.09 -1.64
CA GLY A 144 2.92 5.31 -1.85
C GLY A 144 2.93 4.66 -3.22
N THR A 145 4.10 4.29 -3.74
CA THR A 145 4.20 3.60 -5.01
C THR A 145 5.08 2.36 -4.88
N ASN A 146 4.83 1.38 -5.74
CA ASN A 146 5.57 0.13 -5.72
C ASN A 146 5.47 -0.48 -7.11
N GLU A 147 6.52 -1.19 -7.52
CA GLU A 147 6.50 -2.01 -8.73
C GLU A 147 6.56 -3.47 -8.27
N ALA A 148 5.40 -4.14 -8.27
CA ALA A 148 5.34 -5.41 -7.55
C ALA A 148 6.13 -6.51 -8.24
N LYS A 149 6.47 -6.37 -9.52
CA LYS A 149 7.31 -7.36 -10.14
C LYS A 149 8.79 -7.07 -9.95
N LYS A 150 9.13 -5.96 -9.29
CA LYS A 150 10.51 -5.59 -9.00
C LYS A 150 10.92 -5.93 -7.58
N ASN A 151 10.16 -5.47 -6.59
CA ASN A 151 10.53 -5.65 -5.19
C ASN A 151 9.34 -5.25 -4.32
N CYS A 152 9.56 -5.28 -3.01
CA CYS A 152 8.51 -4.98 -2.05
C CYS A 152 8.57 -3.54 -1.54
N ILE A 153 9.43 -2.70 -2.11
CA ILE A 153 9.69 -1.37 -1.56
C ILE A 153 8.56 -0.42 -1.90
N ILE A 154 8.13 0.37 -0.91
CA ILE A 154 7.09 1.38 -1.09
C ILE A 154 7.73 2.75 -0.91
N ILE A 155 7.62 3.59 -1.93
CA ILE A 155 8.21 4.92 -1.96
C ILE A 155 7.12 5.95 -1.71
N GLN A 156 7.44 7.00 -0.95
CA GLN A 156 6.51 8.09 -0.74
C GLN A 156 6.43 8.96 -1.99
N ASN A 157 5.21 9.33 -2.37
CA ASN A 157 4.99 10.11 -3.59
C ASN A 157 3.91 11.16 -3.31
N GLY A 158 4.18 12.06 -2.36
CA GLY A 158 3.25 13.10 -1.99
C GLY A 158 2.18 12.62 -1.01
N ASP A 159 1.44 13.56 -0.44
CA ASP A 159 0.39 13.21 0.53
C ASP A 159 -1.04 13.25 -0.01
N ASN A 160 -1.18 13.39 -1.31
CA ASN A 160 -2.47 13.46 -1.96
C ASN A 160 -2.27 13.06 -3.43
N VAL A 161 -3.36 12.69 -4.09
CA VAL A 161 -3.21 12.11 -5.42
C VAL A 161 -2.86 13.16 -6.48
N PHE A 162 -3.19 14.45 -6.25
CA PHE A 162 -2.73 15.47 -7.18
C PHE A 162 -1.21 15.53 -7.21
N ALA A 163 -0.59 15.52 -6.02
CA ALA A 163 0.86 15.51 -5.95
C ALA A 163 1.45 14.25 -6.58
N ALA A 164 0.85 13.09 -6.28
CA ALA A 164 1.39 11.84 -6.80
C ALA A 164 1.39 11.84 -8.34
N ILE A 165 0.35 12.40 -8.95
CA ILE A 165 0.28 12.44 -10.41
C ILE A 165 1.21 13.51 -10.96
N LYS A 166 1.29 14.66 -10.29
CA LYS A 166 2.23 15.71 -10.68
C LYS A 166 3.67 15.17 -10.71
N LEU A 167 4.07 14.48 -9.66
CA LEU A 167 5.44 13.96 -9.58
C LEU A 167 5.71 12.91 -10.65
N PHE A 168 4.72 12.03 -10.91
CA PHE A 168 4.85 11.09 -12.00
C PHE A 168 4.97 11.80 -13.34
N LEU A 169 4.15 12.83 -13.56
CA LEU A 169 4.16 13.55 -14.83
C LEU A 169 5.51 14.22 -15.04
N MET A 170 6.09 14.76 -13.98
N MET A 170 6.08 14.80 -13.98
CA MET A 170 7.36 15.45 -14.10
CA MET A 170 7.37 15.47 -14.14
C MET A 170 8.42 14.47 -14.57
C MET A 170 8.46 14.49 -14.55
N LYS A 171 8.38 13.24 -14.06
CA LYS A 171 9.32 12.23 -14.53
C LYS A 171 9.07 11.87 -15.98
N LYS A 172 7.79 11.76 -16.36
CA LYS A 172 7.45 11.47 -17.75
C LYS A 172 7.93 12.56 -18.69
N LEU A 173 7.85 13.82 -18.24
CA LEU A 173 8.31 14.95 -19.03
C LEU A 173 9.76 14.81 -19.46
N LYS A 174 10.58 14.14 -18.66
CA LYS A 174 11.99 13.99 -18.98
C LYS A 174 12.25 12.92 -20.03
N GLU A 175 11.26 12.08 -20.33
CA GLU A 175 11.42 10.94 -21.21
C GLU A 175 10.76 11.09 -22.57
N VAL A 176 9.88 12.08 -22.74
CA VAL A 176 9.07 12.19 -23.94
C VAL A 176 9.85 12.91 -25.01
N THR A 177 9.75 12.44 -26.26
CA THR A 177 10.55 12.98 -27.37
C THR A 177 9.69 13.49 -28.52
N ASP A 178 8.43 13.85 -28.24
CA ASP A 178 7.50 14.32 -29.25
C ASP A 178 6.90 15.62 -28.75
N ARG A 179 7.08 16.71 -29.49
CA ARG A 179 6.66 17.99 -28.94
C ARG A 179 5.14 18.06 -28.78
N LYS A 180 4.39 17.28 -29.58
CA LYS A 180 2.94 17.26 -29.42
C LYS A 180 2.55 16.61 -28.10
N LYS A 181 3.26 15.54 -27.73
CA LYS A 181 3.00 14.89 -26.45
C LYS A 181 3.46 15.77 -25.30
N ILE A 182 4.56 16.51 -25.47
CA ILE A 182 4.99 17.46 -24.44
C ILE A 182 3.92 18.51 -24.22
N SER A 183 3.30 19.00 -25.30
CA SER A 183 2.26 20.01 -25.18
C SER A 183 1.10 19.50 -24.33
N ILE A 184 0.66 18.27 -24.57
CA ILE A 184 -0.40 17.65 -23.78
C ILE A 184 0.02 17.56 -22.31
N LEU A 185 1.24 17.08 -22.05
CA LEU A 185 1.69 16.98 -20.66
C LEU A 185 1.74 18.33 -19.97
N LYS A 186 2.25 19.37 -20.67
CA LYS A 186 2.25 20.71 -20.09
C LYS A 186 0.83 21.18 -19.76
N ASN A 187 -0.15 20.85 -20.60
CA ASN A 187 -1.51 21.28 -20.33
C ASN A 187 -2.08 20.58 -19.09
N ILE A 188 -1.88 19.27 -18.98
CA ILE A 188 -2.30 18.53 -17.79
C ILE A 188 -1.58 19.07 -16.55
N ASP A 189 -0.27 19.31 -16.68
CA ASP A 189 0.50 19.90 -15.58
C ASP A 189 -0.10 21.23 -15.13
N GLU A 190 -0.47 22.09 -16.09
CA GLU A 190 -1.01 23.39 -15.72
C GLU A 190 -2.34 23.24 -15.01
N LYS A 191 -3.20 22.35 -15.51
CA LYS A 191 -4.50 22.11 -14.88
C LYS A 191 -4.35 21.47 -13.51
N LEU A 192 -3.45 20.48 -13.40
CA LEU A 192 -3.19 19.83 -12.12
C LEU A 192 -2.73 20.84 -11.07
N THR A 193 -1.77 21.68 -11.44
CA THR A 193 -1.20 22.64 -10.52
C THR A 193 -2.23 23.68 -10.09
N GLU A 194 -3.05 24.15 -11.02
CA GLU A 194 -4.09 25.12 -10.69
C GLU A 194 -5.14 24.50 -9.77
N ALA A 195 -5.55 23.27 -10.05
CA ALA A 195 -6.51 22.60 -9.18
C ALA A 195 -5.94 22.44 -7.77
N ALA A 196 -4.69 22.00 -7.66
CA ALA A 196 -4.07 21.86 -6.34
C ALA A 196 -3.96 23.20 -5.64
N ARG A 197 -3.64 24.27 -6.38
CA ARG A 197 -3.53 25.58 -5.76
C ARG A 197 -4.88 26.01 -5.17
N LYS A 198 -5.96 25.87 -5.93
CA LYS A 198 -7.28 26.27 -5.47
C LYS A 198 -7.73 25.43 -4.28
N LEU A 199 -7.39 24.15 -4.29
CA LEU A 199 -7.81 23.24 -3.23
C LEU A 199 -6.89 23.26 -2.03
N GLY A 200 -5.69 23.83 -2.16
CA GLY A 200 -4.78 23.88 -1.04
C GLY A 200 -4.00 22.62 -0.80
N TYR A 201 -3.68 21.87 -1.86
CA TYR A 201 -2.90 20.64 -1.75
C TYR A 201 -1.45 20.90 -2.12
N SER A 202 -0.54 20.41 -1.29
CA SER A 202 0.88 20.50 -1.63
C SER A 202 1.22 19.56 -2.77
N LEU A 203 2.12 19.99 -3.65
CA LEU A 203 2.60 19.12 -4.72
C LEU A 203 3.95 18.51 -4.40
N GLU A 204 4.43 18.69 -3.17
CA GLU A 204 5.75 18.22 -2.79
C GLU A 204 5.74 16.70 -2.55
N GLN A 205 6.88 16.08 -2.82
CA GLN A 205 6.99 14.64 -2.55
C GLN A 205 6.85 14.33 -1.07
N ARG A 206 7.42 15.16 -0.21
CA ARG A 206 7.29 14.97 1.24
C ARG A 206 6.84 16.28 1.86
N THR A 207 5.71 16.26 2.53
CA THR A 207 5.12 17.45 3.13
C THR A 207 5.47 17.54 4.61
N VAL A 208 5.11 18.68 5.21
CA VAL A 208 5.27 18.86 6.65
C VAL A 208 4.57 17.73 7.40
N LYS A 209 3.32 17.45 7.02
CA LYS A 209 2.55 16.40 7.69
C LYS A 209 3.24 15.04 7.56
N MET A 210 3.81 14.74 6.38
CA MET A 210 4.50 13.46 6.21
C MET A 210 5.76 13.38 7.07
N ARG A 211 6.51 14.48 7.17
CA ARG A 211 7.69 14.47 8.03
C ARG A 211 7.31 14.31 9.49
N GLN A 212 6.17 14.86 9.90
CA GLN A 212 5.70 14.66 11.26
C GLN A 212 5.30 13.21 11.50
N ARG A 213 4.66 12.57 10.52
CA ARG A 213 4.37 11.15 10.63
C ARG A 213 5.66 10.33 10.72
N ASP A 214 6.65 10.64 9.88
CA ASP A 214 7.87 9.84 9.88
C ASP A 214 8.64 9.95 11.19
N LYS A 215 8.44 11.04 11.96
CA LYS A 215 9.00 11.12 13.30
C LYS A 215 8.48 10.00 14.20
N LYS A 216 7.25 9.53 13.96
CA LYS A 216 6.63 8.50 14.78
C LYS A 216 6.99 7.10 14.32
N VAL A 217 7.76 6.96 13.24
CA VAL A 217 8.09 5.63 12.72
C VAL A 217 9.07 4.95 13.67
N VAL A 218 8.73 3.72 14.09
CA VAL A 218 9.60 2.99 15.02
C VAL A 218 10.59 2.05 14.33
N THR A 219 10.35 1.71 13.06
CA THR A 219 11.23 0.87 12.24
C THR A 219 10.77 1.01 10.79
N LYS A 220 11.73 0.89 9.87
CA LYS A 220 11.41 1.04 8.44
C LYS A 220 10.63 -0.15 7.91
N THR A 221 10.95 -1.35 8.40
CA THR A 221 10.56 -2.66 7.84
C THR A 221 11.19 -2.89 6.48
N PHE A 222 11.04 -4.11 5.97
CA PHE A 222 11.60 -4.46 4.67
C PHE A 222 11.01 -3.61 3.56
N HIS A 223 9.78 -3.09 3.71
CA HIS A 223 9.26 -2.30 2.60
C HIS A 223 9.69 -0.86 2.65
N GLY A 224 10.34 -0.45 3.74
CA GLY A 224 10.93 0.87 3.84
C GLY A 224 9.96 1.99 4.13
N ALA A 225 8.66 1.73 4.13
CA ALA A 225 7.67 2.80 4.26
C ALA A 225 7.37 3.15 5.71
N GLY A 226 7.86 2.36 6.64
CA GLY A 226 7.76 2.69 8.04
C GLY A 226 6.55 2.10 8.72
N LEU A 227 6.76 1.73 9.97
CA LEU A 227 5.73 1.21 10.85
C LEU A 227 5.51 2.23 11.95
N VAL A 228 4.27 2.64 12.17
CA VAL A 228 3.92 3.57 13.24
C VAL A 228 3.01 2.86 14.24
N VAL A 229 3.49 2.72 15.47
CA VAL A 229 2.65 2.24 16.57
C VAL A 229 2.88 3.16 17.76
N PRO A 230 1.92 3.24 18.68
CA PRO A 230 2.10 4.08 19.86
C PRO A 230 3.30 3.62 20.68
N VAL A 231 4.10 4.58 21.16
CA VAL A 231 5.15 4.31 22.13
C VAL A 231 5.03 5.34 23.24
N ASP A 232 4.84 4.87 24.46
CA ASP A 232 4.64 5.79 25.56
C ASP A 232 5.92 6.33 26.17
N LYS A 233 5.75 7.06 27.27
CA LYS A 233 6.86 7.69 27.97
C LYS A 233 7.88 6.69 28.51
N ASN A 234 7.40 5.53 28.93
CA ASN A 234 8.25 4.49 29.46
C ASN A 234 8.76 3.53 28.36
N ASP A 235 8.59 3.93 27.09
CA ASP A 235 9.00 3.20 25.88
C ASP A 235 8.19 1.93 25.61
N VAL A 236 7.00 1.84 26.20
CA VAL A 236 6.16 0.67 25.99
C VAL A 236 5.42 0.80 24.67
N GLY A 237 5.42 -0.27 23.88
CA GLY A 237 4.65 -0.31 22.65
C GLY A 237 5.38 -0.96 21.48
N TYR A 238 6.69 -1.04 21.58
CA TYR A 238 7.54 -1.54 20.50
C TYR A 238 8.86 -2.02 21.08
N ARG A 239 9.41 -3.10 20.54
CA ARG A 239 10.82 -3.39 20.73
C ARG A 239 11.37 -3.97 19.43
N GLU A 240 12.68 -3.82 19.25
CA GLU A 240 13.33 -4.19 18.00
C GLU A 240 13.47 -5.72 17.89
N LEU A 241 13.63 -6.18 16.65
CA LEU A 241 13.83 -7.60 16.43
C LEU A 241 15.21 -8.00 16.93
N PRO A 242 15.39 -9.25 17.36
CA PRO A 242 16.70 -9.67 17.87
C PRO A 242 17.71 -9.94 16.77
N GLU A 243 17.34 -9.74 15.50
CA GLU A 243 18.26 -9.80 14.38
C GLU A 243 18.14 -8.50 13.59
N THR A 244 19.24 -8.06 13.01
CA THR A 244 19.18 -6.93 12.10
C THR A 244 18.42 -7.33 10.83
N ASP A 245 18.00 -6.32 10.07
CA ASP A 245 17.27 -6.60 8.82
C ASP A 245 18.12 -7.46 7.89
N ALA A 246 19.40 -7.16 7.78
CA ALA A 246 20.25 -7.92 6.86
C ALA A 246 20.39 -9.36 7.34
N ASP A 247 20.54 -9.57 8.65
CA ASP A 247 20.63 -10.94 9.15
C ASP A 247 19.30 -11.66 9.04
N LEU A 248 18.18 -10.95 9.23
CA LEU A 248 16.89 -11.60 9.04
C LEU A 248 16.71 -12.03 7.59
N LYS A 249 17.15 -11.20 6.66
CA LYS A 249 17.08 -11.58 5.25
C LYS A 249 17.96 -12.79 4.97
N ARG A 250 19.11 -12.87 5.62
CA ARG A 250 19.99 -14.01 5.45
C ARG A 250 19.28 -15.27 5.92
N ILE A 251 18.59 -15.17 7.05
CA ILE A 251 17.86 -16.31 7.60
C ILE A 251 16.73 -16.72 6.68
N CYS A 252 15.97 -15.73 6.18
CA CYS A 252 14.87 -16.03 5.25
C CYS A 252 15.39 -16.72 4.00
N LYS A 253 16.51 -16.21 3.46
CA LYS A 253 17.08 -16.83 2.26
C LYS A 253 17.45 -18.28 2.51
N ALA A 254 17.97 -18.59 3.70
CA ALA A 254 18.31 -19.97 4.03
C ALA A 254 17.08 -20.86 4.05
N VAL A 255 15.93 -20.32 4.49
CA VAL A 255 14.71 -21.11 4.46
C VAL A 255 14.31 -21.40 3.01
N VAL A 256 14.35 -20.37 2.16
CA VAL A 256 13.91 -20.55 0.79
C VAL A 256 14.85 -21.49 0.04
N ASP A 257 16.15 -21.37 0.28
CA ASP A 257 17.17 -22.16 -0.42
C ASP A 257 17.30 -23.58 0.11
N ALA A 258 16.63 -23.92 1.21
CA ALA A 258 16.80 -25.24 1.82
C ALA A 258 16.45 -26.36 0.84
N ALA A 259 17.28 -27.41 0.87
CA ALA A 259 17.16 -28.50 -0.10
C ALA A 259 16.14 -29.55 0.30
N SER A 260 15.70 -29.57 1.55
CA SER A 260 14.81 -30.62 2.03
C SER A 260 13.96 -30.08 3.18
N ASP A 261 12.91 -30.83 3.52
CA ASP A 261 12.06 -30.46 4.64
C ASP A 261 12.84 -30.36 5.94
N GLU A 262 13.71 -31.35 6.20
CA GLU A 262 14.51 -31.31 7.41
C GLU A 262 15.47 -30.13 7.40
N GLU A 263 16.10 -29.88 6.25
CA GLU A 263 16.95 -28.70 6.09
C GLU A 263 16.14 -27.42 6.32
N ARG A 264 14.93 -27.36 5.77
CA ARG A 264 14.12 -26.16 5.92
C ARG A 264 13.75 -25.94 7.38
N LEU A 265 13.48 -27.02 8.11
CA LEU A 265 13.14 -26.90 9.53
C LEU A 265 14.30 -26.32 10.32
N LYS A 266 15.52 -26.80 10.05
CA LYS A 266 16.69 -26.25 10.72
C LYS A 266 16.89 -24.78 10.38
N ALA A 267 16.70 -24.41 9.11
CA ALA A 267 16.87 -23.02 8.71
C ALA A 267 15.81 -22.12 9.34
N PHE A 268 14.63 -22.66 9.55
CA PHE A 268 13.52 -21.94 10.15
C PHE A 268 13.71 -21.65 11.65
N ALA A 269 14.52 -22.46 12.31
CA ALA A 269 14.69 -22.37 13.75
C ALA A 269 14.84 -20.95 14.29
N PRO A 270 15.69 -20.08 13.73
CA PRO A 270 15.76 -18.71 14.25
C PRO A 270 14.43 -17.98 14.18
N ILE A 271 13.63 -18.25 13.14
CA ILE A 271 12.34 -17.57 13.04
C ILE A 271 11.38 -18.06 14.11
N GLN A 272 11.41 -19.36 14.39
CA GLN A 272 10.57 -19.91 15.45
C GLN A 272 10.98 -19.27 16.79
N GLU A 273 12.28 -19.12 17.01
CA GLU A 273 12.75 -18.47 18.23
C GLU A 273 12.28 -17.02 18.29
N MET A 274 12.36 -16.30 17.17
CA MET A 274 11.86 -14.93 17.17
C MET A 274 10.36 -14.86 17.48
N MET A 275 9.60 -15.87 17.05
CA MET A 275 8.18 -15.87 17.40
C MET A 275 7.99 -16.03 18.91
N THR A 276 8.84 -16.79 19.58
CA THR A 276 8.77 -16.81 21.02
C THR A 276 9.11 -15.44 21.61
N PHE A 277 10.15 -14.78 21.07
CA PHE A 277 10.43 -13.43 21.55
C PHE A 277 9.25 -12.49 21.33
N VAL A 278 8.50 -12.67 20.24
CA VAL A 278 7.31 -11.85 20.03
C VAL A 278 6.25 -12.14 21.09
N GLN A 279 6.12 -13.41 21.49
CA GLN A 279 5.21 -13.75 22.59
C GLN A 279 5.60 -13.00 23.86
N PHE A 280 6.89 -12.98 24.19
CA PHE A 280 7.37 -12.21 25.34
C PHE A 280 6.98 -10.74 25.19
N ALA A 281 7.19 -10.18 24.00
CA ALA A 281 6.91 -8.77 23.78
C ALA A 281 5.43 -8.49 23.92
N ASN A 282 4.59 -9.39 23.40
CA ASN A 282 3.14 -9.19 23.51
C ASN A 282 2.70 -9.19 24.96
N ASP A 283 3.29 -10.07 25.77
CA ASP A 283 2.99 -10.12 27.20
C ASP A 283 3.40 -8.85 27.93
N GLU A 284 4.36 -8.11 27.37
CA GLU A 284 4.83 -6.86 27.95
C GLU A 284 4.28 -5.64 27.23
N CYS A 285 3.28 -5.83 26.38
CA CYS A 285 2.55 -4.79 25.66
C CYS A 285 3.36 -4.13 24.55
N ASP A 286 4.47 -4.73 24.12
CA ASP A 286 5.26 -4.16 23.02
C ASP A 286 4.79 -4.77 21.69
N TYR A 287 3.54 -4.43 21.36
CA TYR A 287 2.86 -5.08 20.24
C TYR A 287 3.50 -4.79 18.90
N GLY A 288 4.28 -3.70 18.78
CA GLY A 288 4.89 -3.41 17.48
C GLY A 288 5.90 -4.45 17.01
N MET A 289 6.49 -5.23 17.93
CA MET A 289 7.51 -6.16 17.50
C MET A 289 6.94 -7.24 16.61
N GLY A 290 5.80 -7.81 17.01
CA GLY A 290 5.18 -8.82 16.18
C GLY A 290 4.71 -8.28 14.84
N LEU A 291 4.24 -7.04 14.82
CA LEU A 291 3.89 -6.41 13.55
C LEU A 291 5.11 -6.34 12.64
N GLU A 292 6.26 -5.94 13.20
CA GLU A 292 7.47 -5.81 12.39
C GLU A 292 7.92 -7.17 11.85
N LEU A 293 8.01 -8.18 12.70
CA LEU A 293 8.43 -9.50 12.25
C LEU A 293 7.48 -10.03 11.19
N GLY A 294 6.18 -9.95 11.45
CA GLY A 294 5.21 -10.44 10.49
C GLY A 294 5.28 -9.68 9.17
N MET A 295 5.45 -8.36 9.25
CA MET A 295 5.53 -7.55 8.04
C MET A 295 6.80 -7.89 7.25
N ASP A 296 7.91 -8.06 7.94
CA ASP A 296 9.14 -8.39 7.23
C ASP A 296 8.99 -9.74 6.53
N LEU A 297 8.39 -10.70 7.20
CA LEU A 297 8.21 -12.02 6.60
C LEU A 297 7.30 -11.96 5.38
N PHE A 298 6.24 -11.18 5.47
CA PHE A 298 5.31 -11.00 4.37
C PHE A 298 6.02 -10.33 3.20
N CYS A 299 6.80 -9.30 3.51
CA CYS A 299 7.54 -8.55 2.51
C CYS A 299 8.55 -9.42 1.79
N TYR A 300 9.14 -10.36 2.52
CA TYR A 300 10.12 -11.23 1.89
C TYR A 300 9.50 -12.04 0.75
N GLY A 301 8.23 -12.40 0.88
CA GLY A 301 7.44 -12.84 -0.26
C GLY A 301 7.30 -14.34 -0.42
N SER A 302 8.04 -15.14 0.34
CA SER A 302 7.99 -16.59 0.18
C SER A 302 6.75 -17.16 0.86
N HIS A 303 6.08 -18.10 0.18
CA HIS A 303 4.93 -18.76 0.77
C HIS A 303 5.31 -19.59 1.99
N TYR A 304 6.59 -19.93 2.15
CA TYR A 304 7.03 -20.63 3.35
C TYR A 304 6.78 -19.85 4.63
N PHE A 305 6.52 -18.54 4.52
CA PHE A 305 6.26 -17.69 5.67
C PHE A 305 4.80 -17.38 5.87
N HIS A 306 3.92 -17.85 5.00
CA HIS A 306 2.52 -17.45 5.11
C HIS A 306 1.88 -17.96 6.39
N LYS A 307 2.23 -19.18 6.82
CA LYS A 307 1.63 -19.68 8.04
C LYS A 307 2.00 -18.82 9.24
N VAL A 308 3.29 -18.54 9.42
CA VAL A 308 3.68 -17.77 10.59
C VAL A 308 3.28 -16.31 10.43
N ALA A 309 3.26 -15.79 9.20
CA ALA A 309 2.76 -14.43 9.02
C ALA A 309 1.29 -14.36 9.39
N GLY A 310 0.54 -15.43 9.13
CA GLY A 310 -0.87 -15.50 9.48
C GLY A 310 -1.12 -15.64 10.96
N GLN A 311 -0.08 -16.01 11.72
CA GLN A 311 -0.14 -16.00 13.18
C GLN A 311 0.25 -14.63 13.74
N LEU A 312 1.28 -14.01 13.17
CA LEU A 312 1.83 -12.79 13.72
C LEU A 312 0.94 -11.58 13.42
N LEU A 313 0.51 -11.43 12.18
CA LEU A 313 -0.04 -10.15 11.74
C LEU A 313 -1.48 -9.93 12.18
N PRO A 314 -2.40 -10.89 12.01
CA PRO A 314 -3.74 -10.68 12.57
C PRO A 314 -3.69 -10.41 14.06
N LEU A 315 -2.87 -11.17 14.80
CA LEU A 315 -2.76 -10.92 16.23
C LEU A 315 -2.23 -9.52 16.52
N ALA A 316 -1.14 -9.12 15.83
CA ALA A 316 -0.58 -7.79 16.06
C ALA A 316 -1.60 -6.70 15.78
N TYR A 317 -2.29 -6.81 14.65
CA TYR A 317 -3.26 -5.77 14.28
C TYR A 317 -4.41 -5.73 15.28
N ASN A 318 -4.86 -6.90 15.72
CA ASN A 318 -5.95 -6.92 16.70
C ASN A 318 -5.52 -6.33 18.02
N LEU A 319 -4.30 -6.65 18.47
CA LEU A 319 -3.79 -6.08 19.72
C LEU A 319 -3.66 -4.57 19.62
N LEU A 320 -3.31 -4.05 18.44
CA LEU A 320 -3.20 -2.63 18.19
C LEU A 320 -4.56 -1.98 17.91
N LYS A 321 -5.65 -2.74 17.96
CA LYS A 321 -7.01 -2.24 17.66
C LYS A 321 -7.11 -1.74 16.23
N ARG A 322 -6.37 -2.38 15.33
CA ARG A 322 -6.44 -2.10 13.89
C ARG A 322 -7.13 -3.26 13.20
N ASP A 323 -8.34 -3.58 13.68
CA ASP A 323 -9.01 -4.84 13.33
C ASP A 323 -9.13 -5.07 11.82
N LEU A 324 -9.51 -4.05 11.05
CA LEU A 324 -9.68 -4.27 9.62
C LEU A 324 -8.41 -4.82 8.97
N PHE A 325 -7.25 -4.33 9.41
CA PHE A 325 -6.00 -4.80 8.82
C PHE A 325 -5.77 -6.28 9.10
N ALA A 326 -6.24 -6.78 10.25
CA ALA A 326 -6.16 -8.22 10.50
C ALA A 326 -7.01 -8.99 9.47
N LYS A 327 -8.17 -8.44 9.12
CA LYS A 327 -9.01 -9.13 8.14
C LYS A 327 -8.38 -9.07 6.75
N ILE A 328 -7.80 -7.93 6.38
CA ILE A 328 -7.16 -7.81 5.07
C ILE A 328 -6.02 -8.81 4.93
N ILE A 329 -5.14 -8.91 5.93
CA ILE A 329 -3.99 -9.80 5.79
C ILE A 329 -4.44 -11.26 5.79
N GLU A 330 -5.48 -11.61 6.56
CA GLU A 330 -6.02 -12.97 6.50
C GLU A 330 -6.51 -13.29 5.11
N ASP A 331 -7.33 -12.39 4.54
CA ASP A 331 -7.83 -12.57 3.19
C ASP A 331 -6.68 -12.64 2.19
N HIS A 332 -5.70 -11.74 2.32
CA HIS A 332 -4.66 -11.68 1.31
C HIS A 332 -3.75 -12.90 1.35
N LEU A 333 -3.32 -13.31 2.55
CA LEU A 333 -2.47 -14.49 2.66
C LEU A 333 -3.18 -15.71 2.10
N ALA A 334 -4.50 -15.80 2.24
CA ALA A 334 -5.22 -16.94 1.71
C ALA A 334 -5.31 -16.92 0.19
N SER A 335 -5.17 -15.76 -0.43
CA SER A 335 -5.33 -15.59 -1.85
C SER A 335 -4.28 -14.56 -2.28
N ARG A 336 -3.00 -14.94 -2.18
CA ARG A 336 -1.91 -14.02 -2.49
C ARG A 336 -1.52 -14.17 -3.95
N SER A 337 -2.25 -13.48 -4.82
CA SER A 337 -2.12 -13.64 -6.25
C SER A 337 -1.05 -12.75 -6.83
N GLU A 338 -0.24 -13.31 -7.74
CA GLU A 338 0.67 -12.48 -8.54
C GLU A 338 -0.07 -11.76 -9.65
N GLU A 339 -1.03 -12.41 -10.29
CA GLU A 339 -1.83 -11.84 -11.37
C GLU A 339 -3.31 -12.06 -11.08
N ASN A 340 -4.15 -11.36 -11.83
CA ASN A 340 -5.60 -11.49 -11.69
C ASN A 340 -6.05 -11.09 -10.28
N ILE A 341 -5.81 -9.83 -9.96
CA ILE A 341 -6.22 -9.25 -8.70
C ILE A 341 -7.38 -8.29 -8.85
N ASP A 342 -7.89 -8.13 -10.07
CA ASP A 342 -9.00 -7.23 -10.39
C ASP A 342 -10.30 -8.00 -10.16
N GLN A 343 -10.98 -7.72 -9.05
CA GLN A 343 -12.23 -8.41 -8.75
C GLN A 343 -13.33 -8.11 -9.75
N LEU A 344 -13.16 -7.07 -10.57
CA LEU A 344 -14.17 -6.63 -11.53
C LEU A 344 -13.73 -6.85 -12.97
N ALA A 345 -12.79 -7.76 -13.22
CA ALA A 345 -12.26 -7.98 -14.56
C ALA A 345 -13.32 -8.50 -15.53
#